data_9FKR
#
_entry.id   9FKR
#
_cell.length_a   37.805
_cell.length_b   59.921
_cell.length_c   65.850
_cell.angle_alpha   92.22
_cell.angle_beta   90.82
_cell.angle_gamma   103.20
#
_symmetry.space_group_name_H-M   'P 1'
#
loop_
_entity.id
_entity.type
_entity.pdbx_description
1 polymer 'Histone acetyltransferase KAT6A'
2 non-polymer 'ZINC ION'
3 non-polymer 6-(dimethylamino)-~{N}-(2-phenylphenyl)sulfonyl-1-benzofuran-2-carboxamide
4 non-polymer '4-(2-HYDROXYETHYL)-1-PIPERAZINE ETHANESULFONIC ACID'
5 water water
#
_entity_poly.entity_id   1
_entity_poly.type   'polypeptide(L)'
_entity_poly.pdbx_seq_one_letter_code
;GSPSVIEFGKYEIHTWYSSPYPQEYSRLPKLYLCEFCLKYMKSRTILQQHMKKCGWFHPPANEIYRKNNISVFEVDGNVS
TIYCQNLCLLAKLFLDH(ALY)TLYYDVEPFLFYVLTQNDVKGCHLVGYFSKEKHSQQKYNVSSIMILPQYQRKGYGRFL
IDFSYLLSKREGQAGSPEKPLSDLGRLSYMAYWKSVILECLYHQNDKQISIKKLSKLTGISPQDITSTLHHLRMLDFRSD
QFVIIRREKLIQDHMAKLQLNLRPVDVDPESLRWTP
;
_entity_poly.pdbx_strand_id   A,B
#
loop_
_chem_comp.id
_chem_comp.type
_chem_comp.name
_chem_comp.formula
A1IDR non-polymer 6-(dimethylamino)-~{N}-(2-phenylphenyl)sulfonyl-1-benzofuran-2-carboxamide 'C23 H20 N2 O4 S'
EPE non-polymer '4-(2-HYDROXYETHYL)-1-PIPERAZINE ETHANESULFONIC ACID' 'C8 H18 N2 O4 S'
ZN non-polymer 'ZINC ION' 'Zn 2'
#
# COMPACT_ATOMS: atom_id res chain seq x y z
N PRO A 3 26.26 11.47 7.02
CA PRO A 3 25.71 12.10 5.80
C PRO A 3 25.30 13.56 6.07
N SER A 4 26.06 14.50 5.49
CA SER A 4 26.01 15.95 5.80
C SER A 4 24.72 16.58 5.24
N VAL A 5 24.40 16.28 3.98
CA VAL A 5 23.29 16.92 3.20
C VAL A 5 22.62 15.84 2.34
N ILE A 6 21.34 15.99 2.02
CA ILE A 6 20.57 15.06 1.12
C ILE A 6 19.83 15.89 0.06
N GLU A 7 19.74 15.35 -1.16
CA GLU A 7 18.81 15.82 -2.20
C GLU A 7 17.52 15.02 -2.05
N PHE A 8 16.42 15.73 -1.77
CA PHE A 8 15.06 15.17 -1.55
C PHE A 8 14.07 15.94 -2.42
N GLY A 9 13.93 15.48 -3.67
CA GLY A 9 13.11 16.17 -4.69
C GLY A 9 13.80 17.43 -5.18
N LYS A 10 13.15 18.59 -5.02
CA LYS A 10 13.62 19.90 -5.51
C LYS A 10 14.33 20.67 -4.38
N TYR A 11 14.46 20.06 -3.20
CA TYR A 11 15.16 20.62 -2.01
C TYR A 11 16.51 19.93 -1.84
N GLU A 12 17.57 20.71 -1.61
CA GLU A 12 18.82 20.27 -0.92
C GLU A 12 18.65 20.60 0.56
N ILE A 13 18.78 19.61 1.46
CA ILE A 13 18.49 19.73 2.92
C ILE A 13 19.70 19.28 3.75
N HIS A 14 20.21 20.17 4.61
N HIS A 14 20.21 20.17 4.61
CA HIS A 14 21.31 19.88 5.57
CA HIS A 14 21.31 19.88 5.57
C HIS A 14 20.76 19.09 6.77
C HIS A 14 20.77 19.08 6.76
N THR A 15 21.35 17.92 7.03
CA THR A 15 20.93 16.97 8.09
C THR A 15 21.26 17.55 9.47
N TRP A 16 20.53 17.13 10.50
CA TRP A 16 20.71 17.56 11.91
C TRP A 16 21.50 16.50 12.68
N TYR A 17 21.32 15.23 12.34
CA TYR A 17 21.94 14.06 13.03
C TYR A 17 22.38 13.03 12.00
N SER A 18 23.09 11.99 12.46
CA SER A 18 23.53 10.83 11.65
C SER A 18 22.49 9.71 11.79
N SER A 19 22.26 8.97 10.70
CA SER A 19 21.29 7.85 10.59
C SER A 19 22.05 6.60 10.20
N PRO A 20 21.65 5.40 10.68
CA PRO A 20 22.42 4.18 10.42
C PRO A 20 22.21 3.58 9.01
N TYR A 21 22.24 4.40 7.96
CA TYR A 21 22.37 3.95 6.55
C TYR A 21 23.57 3.00 6.46
N PRO A 22 23.50 1.87 5.72
CA PRO A 22 24.61 0.91 5.65
C PRO A 22 25.96 1.56 5.30
N GLN A 23 27.06 1.00 5.82
CA GLN A 23 28.41 1.62 5.89
C GLN A 23 28.75 2.33 4.57
N GLU A 24 28.61 1.64 3.44
CA GLU A 24 29.03 2.10 2.09
C GLU A 24 28.28 3.38 1.67
N TYR A 25 27.14 3.67 2.31
CA TYR A 25 26.35 4.92 2.13
C TYR A 25 26.70 5.95 3.21
N SER A 26 27.00 5.48 4.41
CA SER A 26 27.20 6.33 5.63
C SER A 26 28.47 7.18 5.48
N ARG A 27 29.49 6.69 4.76
CA ARG A 27 30.80 7.37 4.59
C ARG A 27 30.78 8.34 3.41
N LEU A 28 29.63 8.50 2.73
CA LEU A 28 29.45 9.43 1.58
C LEU A 28 29.13 10.83 2.07
N PRO A 29 29.53 11.89 1.33
CA PRO A 29 29.26 13.27 1.73
C PRO A 29 27.81 13.73 1.49
N LYS A 30 27.16 13.18 0.46
CA LYS A 30 25.75 13.48 0.06
C LYS A 30 25.00 12.18 -0.26
N LEU A 31 23.71 12.11 0.09
CA LEU A 31 22.78 11.01 -0.29
C LEU A 31 21.70 11.56 -1.22
N TYR A 32 21.32 10.78 -2.24
CA TYR A 32 20.27 11.12 -3.22
C TYR A 32 19.06 10.21 -2.97
N LEU A 33 17.92 10.83 -2.66
CA LEU A 33 16.67 10.17 -2.19
C LEU A 33 15.54 10.43 -3.18
N CYS A 34 14.81 9.37 -3.56
CA CYS A 34 13.51 9.45 -4.27
C CYS A 34 12.49 10.01 -3.27
N GLU A 35 11.88 11.17 -3.57
CA GLU A 35 10.96 11.88 -2.64
C GLU A 35 9.66 11.08 -2.45
N PHE A 36 9.39 10.04 -3.26
CA PHE A 36 8.10 9.30 -3.29
C PHE A 36 8.22 7.91 -2.65
N CYS A 37 9.17 7.06 -3.08
CA CYS A 37 9.38 5.71 -2.49
C CYS A 37 10.46 5.73 -1.39
N LEU A 38 11.26 6.80 -1.31
CA LEU A 38 12.26 7.06 -0.21
C LEU A 38 13.49 6.14 -0.34
N LYS A 39 13.69 5.47 -1.47
CA LYS A 39 14.94 4.71 -1.76
C LYS A 39 16.13 5.68 -1.69
N TYR A 40 17.31 5.19 -1.29
CA TYR A 40 18.56 5.98 -1.17
C TYR A 40 19.60 5.51 -2.18
N MET A 41 20.31 6.45 -2.81
CA MET A 41 21.26 6.20 -3.94
C MET A 41 22.50 7.09 -3.79
N LYS A 42 23.56 6.80 -4.56
CA LYS A 42 24.94 7.33 -4.35
C LYS A 42 25.25 8.50 -5.30
N SER A 43 24.60 8.59 -6.46
CA SER A 43 24.90 9.60 -7.51
C SER A 43 23.61 10.24 -8.03
N ARG A 44 23.73 11.42 -8.64
CA ARG A 44 22.63 12.23 -9.22
C ARG A 44 22.11 11.53 -10.49
N THR A 45 23.00 10.96 -11.31
CA THR A 45 22.66 10.26 -12.57
C THR A 45 21.89 8.97 -12.26
N ILE A 46 22.20 8.30 -11.14
CA ILE A 46 21.48 7.08 -10.68
C ILE A 46 20.05 7.46 -10.28
N LEU A 47 19.88 8.55 -9.51
CA LEU A 47 18.55 9.07 -9.09
C LEU A 47 17.70 9.43 -10.32
N GLN A 48 18.29 10.16 -11.28
CA GLN A 48 17.60 10.62 -12.51
C GLN A 48 17.07 9.41 -13.30
N GLN A 49 17.72 8.25 -13.18
CA GLN A 49 17.36 7.00 -13.92
C GLN A 49 16.34 6.19 -13.12
N HIS A 50 16.39 6.22 -11.78
CA HIS A 50 15.34 5.64 -10.91
C HIS A 50 14.02 6.39 -11.17
N MET A 51 14.05 7.72 -11.19
CA MET A 51 12.84 8.57 -11.34
C MET A 51 12.10 8.24 -12.64
N LYS A 52 12.82 7.87 -13.70
CA LYS A 52 12.25 7.58 -15.04
C LYS A 52 11.37 6.33 -14.98
N LYS A 53 11.72 5.34 -14.16
CA LYS A 53 11.10 3.99 -14.17
C LYS A 53 10.33 3.70 -12.88
N CYS A 54 10.45 4.54 -11.84
CA CYS A 54 9.60 4.52 -10.63
C CYS A 54 8.31 5.28 -10.97
N GLY A 55 7.14 4.72 -10.63
CA GLY A 55 5.84 5.28 -11.08
C GLY A 55 5.01 5.83 -9.93
N TRP A 56 5.64 6.19 -8.82
CA TRP A 56 4.96 6.61 -7.58
C TRP A 56 5.04 8.14 -7.42
N PHE A 57 3.91 8.74 -7.04
CA PHE A 57 3.72 10.20 -6.80
C PHE A 57 2.99 10.39 -5.47
N HIS A 58 3.01 9.37 -4.61
CA HIS A 58 2.39 9.38 -3.26
C HIS A 58 2.83 8.15 -2.49
N PRO A 59 2.71 8.15 -1.14
CA PRO A 59 3.03 6.98 -0.32
C PRO A 59 2.19 5.75 -0.70
N PRO A 60 2.73 4.52 -0.59
CA PRO A 60 2.09 3.34 -1.15
C PRO A 60 1.06 2.71 -0.18
N ALA A 61 -0.05 3.41 0.06
CA ALA A 61 -0.99 3.12 1.18
C ALA A 61 -2.32 3.86 1.00
N ASN A 62 -3.23 3.65 1.95
CA ASN A 62 -4.64 4.14 1.96
C ASN A 62 -4.68 5.60 2.43
N GLU A 63 -5.11 6.52 1.57
CA GLU A 63 -5.33 7.96 1.90
C GLU A 63 -6.58 8.07 2.78
N ILE A 64 -6.43 8.39 4.08
CA ILE A 64 -7.55 8.42 5.06
C ILE A 64 -8.05 9.87 5.27
N TYR A 65 -7.30 10.88 4.81
CA TYR A 65 -7.68 12.32 4.90
C TYR A 65 -7.19 13.06 3.66
N ARG A 66 -8.03 13.97 3.14
CA ARG A 66 -7.68 14.94 2.07
C ARG A 66 -8.65 16.13 2.14
N LYS A 67 -8.13 17.31 2.45
CA LYS A 67 -8.88 18.60 2.39
C LYS A 67 -7.89 19.70 2.00
N ASN A 68 -8.31 20.62 1.14
CA ASN A 68 -7.45 21.59 0.43
C ASN A 68 -6.41 20.76 -0.35
N ASN A 69 -5.12 21.04 -0.20
CA ASN A 69 -4.04 20.31 -0.90
C ASN A 69 -3.19 19.60 0.15
N ILE A 70 -3.84 19.05 1.19
CA ILE A 70 -3.21 18.34 2.35
C ILE A 70 -3.86 16.96 2.50
N SER A 71 -3.05 15.89 2.49
CA SER A 71 -3.49 14.47 2.68
C SER A 71 -2.75 13.83 3.85
N VAL A 72 -3.33 12.77 4.41
CA VAL A 72 -2.66 11.82 5.36
C VAL A 72 -2.82 10.41 4.79
N PHE A 73 -1.71 9.71 4.58
CA PHE A 73 -1.67 8.29 4.16
C PHE A 73 -1.37 7.41 5.38
N GLU A 74 -2.16 6.35 5.58
CA GLU A 74 -2.00 5.37 6.69
C GLU A 74 -1.21 4.17 6.18
N VAL A 75 0.09 4.13 6.46
CA VAL A 75 1.04 3.07 5.97
C VAL A 75 1.26 2.04 7.09
N ASP A 76 1.27 0.75 6.72
CA ASP A 76 1.36 -0.40 7.65
C ASP A 76 2.74 -1.03 7.46
N GLY A 77 3.53 -1.13 8.54
CA GLY A 77 4.88 -1.71 8.52
C GLY A 77 4.88 -3.17 8.06
N ASN A 78 3.74 -3.84 8.20
CA ASN A 78 3.58 -5.28 7.87
C ASN A 78 3.27 -5.46 6.37
N VAL A 79 2.82 -4.41 5.69
CA VAL A 79 2.47 -4.45 4.23
C VAL A 79 3.63 -3.81 3.42
N SER A 80 3.84 -2.50 3.59
CA SER A 80 4.91 -1.74 2.88
C SER A 80 6.14 -1.64 3.78
N THR A 81 6.74 -2.80 4.11
CA THR A 81 7.86 -2.92 5.07
C THR A 81 9.03 -2.03 4.63
N ILE A 82 9.54 -2.22 3.40
CA ILE A 82 10.76 -1.53 2.90
C ILE A 82 10.57 0.00 2.89
N TYR A 83 9.42 0.51 2.47
CA TYR A 83 9.14 1.96 2.44
C TYR A 83 9.22 2.53 3.86
N CYS A 84 8.63 1.82 4.83
CA CYS A 84 8.57 2.24 6.26
C CYS A 84 9.97 2.19 6.88
N GLN A 85 10.80 1.24 6.45
CA GLN A 85 12.22 1.13 6.88
C GLN A 85 12.99 2.33 6.34
N ASN A 86 12.82 2.64 5.06
CA ASN A 86 13.42 3.83 4.39
C ASN A 86 13.00 5.10 5.15
N LEU A 87 11.71 5.23 5.50
CA LEU A 87 11.15 6.38 6.26
C LEU A 87 11.87 6.55 7.61
N CYS A 88 12.11 5.45 8.32
CA CYS A 88 12.76 5.46 9.66
C CYS A 88 14.18 6.03 9.56
N LEU A 89 14.94 5.65 8.53
CA LEU A 89 16.33 6.13 8.30
C LEU A 89 16.32 7.62 7.92
N LEU A 90 15.35 8.05 7.09
CA LEU A 90 15.14 9.47 6.72
C LEU A 90 14.88 10.28 8.00
N ALA A 91 13.99 9.78 8.87
CA ALA A 91 13.52 10.50 10.08
C ALA A 91 14.68 10.78 11.04
N LYS A 92 15.57 9.80 11.23
CA LYS A 92 16.67 9.86 12.24
C LYS A 92 17.63 11.02 11.93
N LEU A 93 17.74 11.41 10.65
CA LEU A 93 18.58 12.56 10.21
C LEU A 93 18.11 13.86 10.88
N PHE A 94 16.89 13.89 11.43
CA PHE A 94 16.27 15.09 12.06
C PHE A 94 15.69 14.74 13.44
N LEU A 95 16.05 13.59 14.02
CA LEU A 95 15.63 13.16 15.38
C LEU A 95 16.86 12.92 16.27
N ASP A 96 16.81 13.39 17.51
CA ASP A 96 17.87 13.14 18.52
C ASP A 96 18.03 11.62 18.70
N HIS A 97 16.92 10.89 18.63
CA HIS A 97 16.82 9.42 18.85
C HIS A 97 15.47 8.91 18.36
OH ALY A 98 9.44 6.32 13.87
CH ALY A 98 10.17 5.36 14.08
CH3 ALY A 98 9.63 4.02 14.49
NZ ALY A 98 11.51 5.44 13.98
CE ALY A 98 12.22 6.68 13.72
CD ALY A 98 13.71 6.56 13.95
CG ALY A 98 14.12 6.19 15.37
CB ALY A 98 13.67 7.20 16.42
CA ALY A 98 14.10 6.95 17.87
N ALY A 98 15.38 7.60 18.13
C ALY A 98 14.19 5.47 18.25
O ALY A 98 15.28 4.90 18.26
N THR A 99 13.04 4.88 18.56
CA THR A 99 12.94 3.56 19.15
C THR A 99 13.62 2.51 18.25
N LEU A 100 13.10 2.28 17.03
CA LEU A 100 13.65 1.25 16.10
C LEU A 100 13.70 1.79 14.66
N TYR A 101 14.36 1.02 13.78
CA TYR A 101 14.62 1.34 12.35
C TYR A 101 14.06 0.23 11.42
N TYR A 102 14.03 -1.03 11.87
CA TYR A 102 13.89 -2.24 11.01
C TYR A 102 12.64 -3.06 11.34
N ASP A 103 12.45 -3.46 12.60
CA ASP A 103 11.29 -4.26 13.06
C ASP A 103 10.03 -3.36 13.06
N VAL A 104 9.58 -2.97 11.86
CA VAL A 104 8.52 -1.94 11.64
C VAL A 104 7.14 -2.59 11.54
N GLU A 105 7.08 -3.94 11.52
CA GLU A 105 5.85 -4.71 11.22
C GLU A 105 4.76 -4.44 12.27
N PRO A 106 5.07 -4.31 13.58
CA PRO A 106 4.04 -3.95 14.57
C PRO A 106 3.66 -2.46 14.65
N PHE A 107 4.02 -1.65 13.65
CA PHE A 107 3.86 -0.18 13.68
C PHE A 107 3.01 0.31 12.51
N LEU A 108 2.26 1.39 12.74
CA LEU A 108 1.56 2.22 11.72
C LEU A 108 2.33 3.54 11.54
N PHE A 109 2.30 4.10 10.33
CA PHE A 109 3.05 5.32 9.92
C PHE A 109 2.12 6.27 9.15
N TYR A 110 1.73 7.37 9.79
CA TYR A 110 0.84 8.42 9.22
C TYR A 110 1.70 9.50 8.57
N VAL A 111 1.77 9.48 7.25
CA VAL A 111 2.59 10.38 6.38
C VAL A 111 1.73 11.56 5.94
N LEU A 112 2.14 12.78 6.30
CA LEU A 112 1.46 14.04 5.92
C LEU A 112 2.06 14.53 4.59
N THR A 113 1.23 14.82 3.59
CA THR A 113 1.72 15.37 2.29
C THR A 113 1.03 16.70 1.98
N GLN A 114 1.69 17.50 1.15
CA GLN A 114 1.16 18.74 0.54
C GLN A 114 1.19 18.53 -0.97
N ASN A 115 0.03 18.60 -1.61
CA ASN A 115 -0.21 18.06 -2.97
C ASN A 115 -0.23 19.20 -4.00
N ASP A 116 0.52 19.03 -5.08
CA ASP A 116 0.44 19.90 -6.27
C ASP A 116 0.45 19.00 -7.52
N VAL A 117 0.42 19.61 -8.70
CA VAL A 117 0.31 18.91 -10.01
C VAL A 117 1.48 17.92 -10.21
N LYS A 118 2.60 18.08 -9.49
CA LYS A 118 3.83 17.26 -9.67
C LYS A 118 3.84 16.09 -8.67
N GLY A 119 2.94 16.09 -7.68
CA GLY A 119 2.68 14.92 -6.81
C GLY A 119 2.27 15.29 -5.39
N CYS A 120 2.16 14.27 -4.54
CA CYS A 120 1.96 14.37 -3.06
C CYS A 120 3.33 14.35 -2.35
N HIS A 121 3.88 15.53 -2.09
CA HIS A 121 5.25 15.74 -1.52
C HIS A 121 5.21 15.57 0.01
N LEU A 122 6.20 14.87 0.57
CA LEU A 122 6.29 14.52 2.02
C LEU A 122 6.65 15.76 2.85
N VAL A 123 5.81 16.09 3.83
CA VAL A 123 5.98 17.21 4.80
C VAL A 123 6.53 16.65 6.11
N GLY A 124 5.98 15.52 6.57
CA GLY A 124 6.35 14.88 7.85
C GLY A 124 5.48 13.68 8.15
N TYR A 125 5.67 13.07 9.32
CA TYR A 125 4.99 11.82 9.76
C TYR A 125 5.01 11.70 11.29
N PHE A 126 4.20 10.76 11.80
CA PHE A 126 4.33 10.21 13.17
C PHE A 126 4.07 8.69 13.11
N SER A 127 4.95 7.93 13.78
CA SER A 127 4.83 6.47 13.98
C SER A 127 3.91 6.21 15.17
N LYS A 128 3.27 5.04 15.21
CA LYS A 128 2.37 4.60 16.31
C LYS A 128 2.42 3.07 16.40
N GLU A 129 2.55 2.53 17.61
CA GLU A 129 2.37 1.08 17.89
C GLU A 129 0.90 0.69 17.68
N LYS A 130 0.66 -0.39 16.93
CA LYS A 130 -0.70 -0.93 16.68
C LYS A 130 -1.41 -1.22 18.00
N HIS A 131 -0.70 -1.77 18.98
CA HIS A 131 -1.19 -2.00 20.36
C HIS A 131 -0.08 -1.64 21.35
N SER A 132 -0.23 -0.54 22.10
CA SER A 132 0.76 -0.05 23.10
C SER A 132 0.19 -0.21 24.51
N GLN A 133 0.85 -1.00 25.35
CA GLN A 133 0.38 -1.32 26.73
C GLN A 133 0.40 -0.05 27.58
N GLN A 134 1.31 0.90 27.29
CA GLN A 134 1.45 2.20 27.99
C GLN A 134 0.52 3.28 27.38
N LYS A 135 -0.32 2.92 26.41
CA LYS A 135 -1.27 3.83 25.73
C LYS A 135 -0.53 5.04 25.16
N TYR A 136 0.40 4.81 24.24
CA TYR A 136 1.13 5.85 23.47
C TYR A 136 0.49 6.01 22.09
N ASN A 137 -0.05 7.20 21.81
CA ASN A 137 -0.74 7.54 20.52
C ASN A 137 0.26 8.08 19.50
N VAL A 138 1.52 8.31 19.92
CA VAL A 138 2.66 8.75 19.07
C VAL A 138 3.95 8.16 19.64
N SER A 139 4.74 7.45 18.82
CA SER A 139 6.12 7.00 19.14
C SER A 139 7.10 8.15 18.86
N SER A 140 7.36 8.44 17.59
CA SER A 140 8.17 9.58 17.09
C SER A 140 7.30 10.46 16.20
N ILE A 141 7.55 11.77 16.16
CA ILE A 141 6.93 12.74 15.22
C ILE A 141 8.02 13.63 14.65
N MET A 142 7.93 14.03 13.38
CA MET A 142 8.99 14.80 12.68
C MET A 142 8.38 15.60 11.52
N ILE A 143 8.76 16.87 11.39
CA ILE A 143 8.45 17.77 10.24
C ILE A 143 9.77 18.15 9.59
N LEU A 144 9.87 18.06 8.26
CA LEU A 144 11.11 18.40 7.51
C LEU A 144 11.35 19.91 7.63
N PRO A 145 12.63 20.34 7.69
CA PRO A 145 12.98 21.76 7.88
C PRO A 145 12.17 22.78 7.06
N GLN A 146 12.06 22.58 5.74
CA GLN A 146 11.43 23.54 4.79
C GLN A 146 9.99 23.86 5.21
N TYR A 147 9.30 22.96 5.94
CA TYR A 147 7.87 23.09 6.33
C TYR A 147 7.71 23.55 7.79
N GLN A 148 8.80 23.85 8.50
CA GLN A 148 8.75 24.16 9.96
C GLN A 148 8.23 25.58 10.18
N ARG A 149 7.55 25.80 11.31
CA ARG A 149 7.01 27.10 11.79
C ARG A 149 5.89 27.59 10.86
N LYS A 150 5.02 26.70 10.38
CA LYS A 150 3.94 27.04 9.40
C LYS A 150 2.60 26.37 9.76
N GLY A 151 2.54 25.52 10.78
CA GLY A 151 1.27 24.98 11.32
C GLY A 151 1.09 23.49 11.08
N TYR A 152 1.97 22.88 10.27
CA TYR A 152 1.93 21.43 9.95
C TYR A 152 2.15 20.59 11.21
N GLY A 153 3.01 21.06 12.12
CA GLY A 153 3.33 20.37 13.38
C GLY A 153 2.09 20.23 14.25
N ARG A 154 1.38 21.35 14.47
CA ARG A 154 0.14 21.39 15.29
C ARG A 154 -0.91 20.50 14.62
N PHE A 155 -1.04 20.59 13.29
CA PHE A 155 -1.96 19.77 12.47
C PHE A 155 -1.81 18.29 12.84
N LEU A 156 -0.60 17.75 12.70
CA LEU A 156 -0.29 16.30 12.93
C LEU A 156 -0.59 15.91 14.37
N ILE A 157 -0.24 16.76 15.34
CA ILE A 157 -0.47 16.50 16.79
C ILE A 157 -1.99 16.43 17.02
N ASP A 158 -2.72 17.40 16.48
CA ASP A 158 -4.20 17.45 16.52
C ASP A 158 -4.77 16.18 15.88
N PHE A 159 -4.21 15.76 14.75
CA PHE A 159 -4.64 14.57 13.98
C PHE A 159 -4.46 13.31 14.84
N SER A 160 -3.32 13.21 15.55
CA SER A 160 -2.94 12.05 16.40
C SER A 160 -3.96 11.86 17.52
N TYR A 161 -4.53 12.97 18.03
CA TYR A 161 -5.50 13.00 19.15
C TYR A 161 -6.92 12.70 18.62
N LEU A 162 -7.21 13.06 17.37
CA LEU A 162 -8.49 12.71 16.71
C LEU A 162 -8.61 11.18 16.59
N LEU A 163 -7.53 10.50 16.18
CA LEU A 163 -7.45 9.01 16.11
C LEU A 163 -7.77 8.40 17.48
N SER A 164 -7.17 8.94 18.56
CA SER A 164 -7.34 8.49 19.96
C SER A 164 -8.80 8.64 20.39
N LYS A 165 -9.40 9.80 20.12
CA LYS A 165 -10.83 10.10 20.39
C LYS A 165 -11.71 9.06 19.68
N ARG A 166 -11.54 8.93 18.36
CA ARG A 166 -12.33 8.03 17.48
C ARG A 166 -12.37 6.62 18.07
N GLU A 167 -11.24 6.11 18.57
CA GLU A 167 -11.12 4.73 19.10
C GLU A 167 -11.38 4.70 20.62
N GLY A 168 -11.71 5.86 21.20
CA GLY A 168 -12.27 5.98 22.56
C GLY A 168 -11.26 5.63 23.65
N GLN A 169 -10.04 6.14 23.54
CA GLN A 169 -8.98 6.01 24.58
C GLN A 169 -8.13 7.29 24.57
N ALA A 170 -7.93 7.90 25.73
CA ALA A 170 -6.97 9.01 25.94
C ALA A 170 -5.56 8.48 25.70
N GLY A 171 -4.71 9.27 25.01
CA GLY A 171 -3.36 8.87 24.59
C GLY A 171 -2.30 9.87 25.02
N SER A 172 -1.03 9.57 24.75
CA SER A 172 0.15 10.39 25.13
C SER A 172 1.33 10.07 24.22
N PRO A 173 2.19 11.06 23.87
CA PRO A 173 3.41 10.75 23.13
C PRO A 173 4.42 9.99 24.01
N GLU A 174 5.11 9.00 23.42
CA GLU A 174 6.20 8.22 24.06
C GLU A 174 7.29 9.19 24.53
N LYS A 175 7.73 9.05 25.78
CA LYS A 175 8.75 9.91 26.44
C LYS A 175 10.13 9.25 26.30
N PRO A 176 11.24 10.04 26.32
CA PRO A 176 11.20 11.49 26.41
C PRO A 176 11.02 12.20 25.06
N LEU A 177 10.57 13.46 25.08
CA LEU A 177 10.27 14.26 23.87
C LEU A 177 11.49 15.08 23.45
N SER A 178 11.53 15.46 22.16
CA SER A 178 12.53 16.39 21.57
C SER A 178 12.16 17.83 21.97
N ASP A 179 13.09 18.77 21.80
CA ASP A 179 12.93 20.20 22.20
C ASP A 179 11.68 20.77 21.51
N LEU A 180 11.66 20.76 20.16
CA LEU A 180 10.54 21.26 19.33
C LEU A 180 9.26 20.49 19.66
N GLY A 181 9.39 19.18 19.96
CA GLY A 181 8.30 18.31 20.43
C GLY A 181 7.65 18.86 21.69
N ARG A 182 8.47 19.15 22.72
CA ARG A 182 8.04 19.63 24.05
C ARG A 182 7.33 20.99 23.89
N LEU A 183 7.88 21.90 23.07
CA LEU A 183 7.33 23.24 22.80
C LEU A 183 5.95 23.11 22.15
N SER A 184 5.88 22.41 21.01
CA SER A 184 4.64 22.16 20.24
C SER A 184 3.56 21.60 21.17
N TYR A 185 3.85 20.51 21.88
CA TYR A 185 2.87 19.74 22.69
C TYR A 185 2.31 20.63 23.81
N MET A 186 3.17 21.38 24.50
CA MET A 186 2.78 22.32 25.58
C MET A 186 1.92 23.45 25.00
N ALA A 187 2.34 24.02 23.88
CA ALA A 187 1.60 25.08 23.15
C ALA A 187 0.25 24.56 22.67
N TYR A 188 0.19 23.31 22.19
CA TYR A 188 -1.05 22.65 21.70
CA TYR A 188 -1.05 22.65 21.70
C TYR A 188 -2.03 22.49 22.88
N TRP A 189 -1.57 21.87 23.97
CA TRP A 189 -2.39 21.57 25.17
C TRP A 189 -3.03 22.86 25.71
N LYS A 190 -2.24 23.95 25.78
CA LYS A 190 -2.69 25.30 26.22
C LYS A 190 -3.87 25.76 25.37
N SER A 191 -3.66 25.90 24.06
CA SER A 191 -4.65 26.44 23.08
C SER A 191 -5.92 25.59 23.09
N VAL A 192 -5.78 24.27 23.12
CA VAL A 192 -6.92 23.30 23.04
C VAL A 192 -7.79 23.43 24.29
N ILE A 193 -7.17 23.45 25.48
CA ILE A 193 -7.89 23.51 26.79
C ILE A 193 -8.62 24.86 26.92
N LEU A 194 -8.02 25.95 26.45
CA LEU A 194 -8.58 27.34 26.54
C LEU A 194 -9.74 27.51 25.55
N GLU A 195 -9.56 27.07 24.30
CA GLU A 195 -10.61 27.08 23.24
C GLU A 195 -11.78 26.19 23.67
N CYS A 196 -11.48 25.02 24.25
CA CYS A 196 -12.45 23.99 24.71
C CYS A 196 -13.26 24.51 25.91
N LEU A 197 -12.77 25.51 26.64
CA LEU A 197 -13.42 26.08 27.85
C LEU A 197 -14.33 27.26 27.46
N TYR A 198 -13.94 28.06 26.46
CA TYR A 198 -14.74 29.18 25.92
C TYR A 198 -16.13 28.67 25.51
N HIS A 199 -16.18 27.48 24.90
CA HIS A 199 -17.40 26.82 24.37
C HIS A 199 -18.10 26.01 25.48
N GLN A 200 -17.97 26.40 26.75
CA GLN A 200 -18.75 25.84 27.89
C GLN A 200 -19.51 26.97 28.58
N ASN A 201 -19.47 28.19 28.02
CA ASN A 201 -20.19 29.39 28.52
C ASN A 201 -19.80 29.64 29.99
N ASP A 202 -20.36 28.87 30.92
CA ASP A 202 -19.96 28.80 32.35
C ASP A 202 -19.90 27.34 32.79
N LYS A 203 -20.91 26.54 32.43
CA LYS A 203 -21.04 25.07 32.70
C LYS A 203 -19.69 24.52 33.17
N GLN A 204 -19.54 24.33 34.49
CA GLN A 204 -18.30 23.84 35.15
C GLN A 204 -18.03 22.39 34.69
N ILE A 205 -16.80 22.11 34.24
CA ILE A 205 -16.37 20.80 33.67
C ILE A 205 -15.36 20.16 34.63
N SER A 206 -15.31 18.83 34.67
CA SER A 206 -14.31 18.04 35.43
C SER A 206 -13.15 17.65 34.51
N ILE A 207 -12.06 17.12 35.08
CA ILE A 207 -10.83 16.71 34.34
C ILE A 207 -11.14 15.48 33.47
N LYS A 208 -11.71 14.44 34.08
CA LYS A 208 -12.06 13.14 33.42
C LYS A 208 -13.02 13.41 32.25
N LYS A 209 -13.91 14.39 32.38
CA LYS A 209 -14.85 14.81 31.30
C LYS A 209 -14.07 15.54 30.20
N LEU A 210 -13.15 16.44 30.59
CA LEU A 210 -12.31 17.25 29.65
C LEU A 210 -11.42 16.32 28.81
N SER A 211 -10.76 15.35 29.46
CA SER A 211 -9.88 14.34 28.82
C SER A 211 -10.67 13.51 27.79
N LYS A 212 -11.95 13.24 28.05
CA LYS A 212 -12.86 12.49 27.14
C LYS A 212 -13.14 13.33 25.88
N LEU A 213 -13.46 14.60 26.06
CA LEU A 213 -13.80 15.55 24.96
C LEU A 213 -12.60 15.78 24.04
N THR A 214 -11.38 15.78 24.59
CA THR A 214 -10.14 16.29 23.93
C THR A 214 -9.18 15.14 23.59
N GLY A 215 -9.20 14.02 24.35
CA GLY A 215 -8.43 12.80 24.06
C GLY A 215 -7.00 12.87 24.59
N ILE A 216 -6.72 13.85 25.46
CA ILE A 216 -5.40 14.10 26.11
C ILE A 216 -5.38 13.37 27.45
N SER A 217 -4.26 12.70 27.78
CA SER A 217 -4.09 11.90 29.02
C SER A 217 -4.31 12.80 30.24
N PRO A 218 -5.02 12.33 31.28
CA PRO A 218 -5.26 13.12 32.49
C PRO A 218 -3.99 13.78 33.05
N GLN A 219 -2.87 13.04 33.07
CA GLN A 219 -1.53 13.52 33.50
C GLN A 219 -1.17 14.80 32.73
N ASP A 220 -1.18 14.74 31.40
CA ASP A 220 -0.80 15.86 30.47
C ASP A 220 -1.66 17.10 30.74
N ILE A 221 -2.94 16.91 31.09
CA ILE A 221 -3.91 18.02 31.32
C ILE A 221 -3.55 18.73 32.63
N THR A 222 -3.41 17.97 33.72
CA THR A 222 -3.21 18.49 35.10
C THR A 222 -1.93 19.34 35.17
N SER A 223 -0.86 18.95 34.47
CA SER A 223 0.44 19.67 34.41
C SER A 223 0.28 21.00 33.66
N THR A 224 -0.58 21.05 32.64
CA THR A 224 -0.82 22.25 31.78
C THR A 224 -1.60 23.30 32.59
N LEU A 225 -2.62 22.86 33.34
CA LEU A 225 -3.45 23.73 34.22
C LEU A 225 -2.56 24.39 35.29
N HIS A 226 -1.65 23.63 35.89
CA HIS A 226 -0.67 24.08 36.93
C HIS A 226 0.18 25.22 36.36
N HIS A 227 0.70 25.07 35.14
CA HIS A 227 1.54 26.06 34.43
C HIS A 227 0.76 27.36 34.21
N LEU A 228 -0.57 27.28 34.04
CA LEU A 228 -1.47 28.42 33.72
C LEU A 228 -2.07 29.01 35.01
N ARG A 229 -1.79 28.43 36.18
CA ARG A 229 -2.37 28.81 37.49
C ARG A 229 -3.91 28.73 37.42
N MET A 230 -4.45 27.58 37.02
CA MET A 230 -5.91 27.32 36.93
C MET A 230 -6.24 25.97 37.57
N LEU A 231 -5.71 25.73 38.79
CA LEU A 231 -5.77 24.40 39.47
C LEU A 231 -5.90 24.60 40.99
N ASP A 232 -7.07 24.28 41.56
CA ASP A 232 -7.31 24.14 43.02
C ASP A 232 -7.20 22.65 43.37
N PHE A 233 -7.23 22.30 44.66
CA PHE A 233 -6.90 20.95 45.19
C PHE A 233 -8.13 20.36 45.89
N VAL A 239 -9.29 20.29 40.36
CA VAL A 239 -10.43 21.14 39.89
C VAL A 239 -9.88 22.33 39.08
N ILE A 240 -10.73 22.96 38.27
CA ILE A 240 -10.35 24.02 37.28
C ILE A 240 -10.85 25.38 37.78
N ILE A 241 -9.92 26.32 38.02
CA ILE A 241 -10.21 27.77 38.25
C ILE A 241 -10.24 28.47 36.89
N ARG A 242 -11.44 28.82 36.42
CA ARG A 242 -11.65 29.59 35.15
C ARG A 242 -11.15 31.03 35.35
N ARG A 243 -9.98 31.36 34.78
CA ARG A 243 -9.51 32.76 34.59
C ARG A 243 -10.04 33.25 33.23
N GLU A 244 -11.04 34.14 33.24
CA GLU A 244 -11.86 34.50 32.05
C GLU A 244 -11.05 35.39 31.09
N LYS A 245 -10.32 36.37 31.63
CA LYS A 245 -9.49 37.33 30.84
C LYS A 245 -8.50 36.55 29.97
N LEU A 246 -7.98 35.41 30.47
CA LEU A 246 -7.06 34.52 29.73
C LEU A 246 -7.80 33.79 28.61
N ILE A 247 -9.02 33.30 28.89
CA ILE A 247 -9.86 32.50 27.94
C ILE A 247 -10.35 33.41 26.81
N GLN A 248 -10.83 34.61 27.14
CA GLN A 248 -11.40 35.61 26.20
C GLN A 248 -10.33 36.09 25.21
N ASP A 249 -9.14 36.46 25.72
CA ASP A 249 -8.04 37.08 24.94
C ASP A 249 -7.43 36.06 23.97
N HIS A 250 -7.48 34.76 24.30
CA HIS A 250 -7.04 33.65 23.40
C HIS A 250 -7.98 33.58 22.19
N MET A 251 -9.29 33.61 22.43
CA MET A 251 -10.34 33.53 21.38
C MET A 251 -10.26 34.75 20.45
N ALA A 252 -9.85 35.91 20.98
CA ALA A 252 -9.62 37.17 20.24
C ALA A 252 -8.43 37.02 19.29
N LYS A 253 -7.38 36.29 19.70
CA LYS A 253 -6.15 36.05 18.89
C LYS A 253 -6.47 35.18 17.67
N LEU A 254 -7.44 34.27 17.77
CA LEU A 254 -7.84 33.34 16.68
C LEU A 254 -8.74 34.04 15.66
N GLN A 255 -9.57 34.99 16.13
CA GLN A 255 -10.66 35.67 15.37
C GLN A 255 -10.08 36.50 14.20
N LEU A 256 -8.89 37.08 14.36
CA LEU A 256 -8.25 38.00 13.38
C LEU A 256 -7.25 37.25 12.50
N ASN A 257 -6.35 36.47 13.10
CA ASN A 257 -5.25 35.73 12.41
C ASN A 257 -5.82 34.60 11.57
N LEU A 258 -6.68 33.76 12.19
CA LEU A 258 -7.21 32.48 11.62
C LEU A 258 -6.06 31.47 11.48
N ARG A 259 -6.34 30.20 11.80
CA ARG A 259 -5.37 29.07 11.79
C ARG A 259 -5.31 28.52 10.36
N PRO A 260 -4.19 28.71 9.64
CA PRO A 260 -4.17 28.55 8.19
C PRO A 260 -4.33 27.08 7.76
N VAL A 261 -3.73 26.16 8.51
CA VAL A 261 -3.82 24.69 8.30
C VAL A 261 -4.59 24.14 9.51
N ASP A 262 -5.69 23.42 9.28
CA ASP A 262 -6.64 23.00 10.35
C ASP A 262 -7.25 21.64 10.00
N VAL A 263 -7.17 20.66 10.93
CA VAL A 263 -7.78 19.30 10.81
C VAL A 263 -9.30 19.43 10.83
N ASP A 264 -9.96 19.08 9.72
CA ASP A 264 -11.45 19.05 9.60
C ASP A 264 -11.91 17.62 9.90
N PRO A 265 -12.58 17.38 11.05
CA PRO A 265 -13.05 16.03 11.39
C PRO A 265 -13.97 15.37 10.35
N GLU A 266 -14.71 16.16 9.55
CA GLU A 266 -15.68 15.65 8.55
C GLU A 266 -14.92 15.03 7.36
N SER A 267 -13.62 15.29 7.23
CA SER A 267 -12.79 14.91 6.04
C SER A 267 -12.02 13.60 6.30
N LEU A 268 -12.11 13.06 7.52
CA LEU A 268 -11.42 11.81 7.95
C LEU A 268 -12.29 10.60 7.57
N ARG A 269 -11.79 9.74 6.68
CA ARG A 269 -12.47 8.48 6.25
C ARG A 269 -11.72 7.29 6.86
N TRP A 270 -12.05 6.91 8.09
CA TRP A 270 -11.27 5.94 8.91
C TRP A 270 -12.16 5.30 9.99
N THR A 271 -12.11 3.96 10.09
CA THR A 271 -12.72 3.15 11.18
C THR A 271 -11.60 2.60 12.05
N PRO A 272 -11.70 2.66 13.40
CA PRO A 272 -10.68 2.10 14.28
C PRO A 272 -10.73 0.56 14.32
N PRO B 3 -25.88 -13.03 -9.77
CA PRO B 3 -25.59 -11.68 -10.30
C PRO B 3 -25.29 -11.71 -11.80
N SER B 4 -26.17 -11.12 -12.61
CA SER B 4 -26.13 -11.16 -14.09
C SER B 4 -24.99 -10.27 -14.62
N VAL B 5 -24.86 -9.07 -14.07
CA VAL B 5 -23.89 -8.03 -14.53
C VAL B 5 -23.30 -7.33 -13.29
N ILE B 6 -22.08 -6.79 -13.40
CA ILE B 6 -21.45 -5.95 -12.33
C ILE B 6 -20.93 -4.65 -12.96
N GLU B 7 -20.99 -3.55 -12.22
CA GLU B 7 -20.20 -2.33 -12.47
C GLU B 7 -18.86 -2.48 -11.73
N PHE B 8 -17.76 -2.45 -12.48
CA PHE B 8 -16.36 -2.52 -11.97
C PHE B 8 -15.57 -1.35 -12.56
N GLY B 9 -15.58 -0.20 -11.87
CA GLY B 9 -14.96 1.05 -12.34
C GLY B 9 -15.74 1.66 -13.48
N LYS B 10 -15.12 1.82 -14.66
CA LYS B 10 -15.71 2.45 -15.87
C LYS B 10 -16.30 1.39 -16.81
N TYR B 11 -16.20 0.11 -16.43
CA TYR B 11 -16.72 -1.05 -17.22
C TYR B 11 -18.00 -1.58 -16.58
N GLU B 12 -19.03 -1.82 -17.40
CA GLU B 12 -20.15 -2.74 -17.08
C GLU B 12 -19.78 -4.11 -17.68
N ILE B 13 -19.76 -5.17 -16.87
CA ILE B 13 -19.24 -6.52 -17.26
C ILE B 13 -20.33 -7.58 -16.99
N HIS B 14 -20.71 -8.32 -18.04
CA HIS B 14 -21.66 -9.47 -17.93
CA HIS B 14 -21.66 -9.47 -17.96
C HIS B 14 -20.91 -10.70 -17.39
N THR B 15 -21.43 -11.25 -16.29
CA THR B 15 -20.81 -12.37 -15.55
C THR B 15 -20.94 -13.66 -16.36
N TRP B 16 -20.05 -14.63 -16.13
CA TRP B 16 -20.03 -15.95 -16.83
C TRP B 16 -20.68 -17.00 -15.93
N TYR B 17 -20.51 -16.89 -14.61
CA TYR B 17 -21.02 -17.86 -13.60
C TYR B 17 -21.57 -17.11 -12.39
N SER B 18 -22.17 -17.84 -11.44
CA SER B 18 -22.68 -17.32 -10.16
C SER B 18 -21.62 -17.50 -9.06
N SER B 19 -21.53 -16.53 -8.14
CA SER B 19 -20.55 -16.48 -7.03
C SER B 19 -21.30 -16.45 -5.70
N PRO B 20 -20.78 -17.06 -4.62
CA PRO B 20 -21.52 -17.13 -3.35
C PRO B 20 -21.47 -15.85 -2.50
N TYR B 21 -21.74 -14.70 -3.11
CA TYR B 21 -22.00 -13.42 -2.39
C TYR B 21 -23.10 -13.67 -1.35
N PRO B 22 -23.02 -13.13 -0.11
CA PRO B 22 -24.04 -13.39 0.92
C PRO B 22 -25.48 -13.12 0.45
N GLN B 23 -26.44 -13.88 0.99
CA GLN B 23 -27.84 -14.03 0.51
C GLN B 23 -28.40 -12.70 0.01
N GLU B 24 -28.35 -11.66 0.85
CA GLU B 24 -29.02 -10.35 0.62
C GLU B 24 -28.43 -9.65 -0.62
N TYR B 25 -27.24 -10.06 -1.07
CA TYR B 25 -26.58 -9.59 -2.32
C TYR B 25 -26.83 -10.56 -3.47
N SER B 26 -26.94 -11.86 -3.18
CA SER B 26 -27.04 -12.96 -4.19
C SER B 26 -28.38 -12.87 -4.95
N ARG B 27 -29.43 -12.36 -4.31
CA ARG B 27 -30.80 -12.26 -4.90
C ARG B 27 -30.97 -10.95 -5.69
N LEU B 28 -29.92 -10.12 -5.80
CA LEU B 28 -29.94 -8.84 -6.58
C LEU B 28 -29.55 -9.12 -8.03
N PRO B 29 -30.12 -8.36 -9.00
CA PRO B 29 -29.80 -8.56 -10.41
C PRO B 29 -28.45 -7.96 -10.84
N LYS B 30 -28.01 -6.87 -10.18
CA LYS B 30 -26.72 -6.18 -10.47
C LYS B 30 -25.98 -5.88 -9.16
N LEU B 31 -24.64 -6.02 -9.18
CA LEU B 31 -23.73 -5.67 -8.06
C LEU B 31 -22.82 -4.51 -8.48
N TYR B 32 -22.55 -3.59 -7.55
CA TYR B 32 -21.67 -2.40 -7.74
C TYR B 32 -20.40 -2.59 -6.91
N LEU B 33 -19.25 -2.62 -7.57
CA LEU B 33 -17.91 -2.98 -6.99
C LEU B 33 -16.94 -1.79 -7.07
N CYS B 34 -16.22 -1.49 -5.99
CA CYS B 34 -15.04 -0.60 -5.99
C CYS B 34 -13.89 -1.31 -6.71
N GLU B 35 -13.38 -0.74 -7.80
CA GLU B 35 -12.32 -1.34 -8.64
C GLU B 35 -10.99 -1.48 -7.88
N PHE B 36 -10.82 -0.85 -6.69
CA PHE B 36 -9.53 -0.79 -5.96
C PHE B 36 -9.55 -1.68 -4.70
N CYS B 37 -10.52 -1.54 -3.80
CA CYS B 37 -10.62 -2.40 -2.57
C CYS B 37 -11.52 -3.62 -2.81
N LEU B 38 -12.33 -3.64 -3.88
CA LEU B 38 -13.16 -4.79 -4.32
C LEU B 38 -14.37 -5.02 -3.39
N LYS B 39 -14.70 -4.09 -2.50
CA LYS B 39 -15.96 -4.14 -1.71
C LYS B 39 -17.14 -4.15 -2.68
N TYR B 40 -18.25 -4.81 -2.30
CA TYR B 40 -19.48 -4.97 -3.12
C TYR B 40 -20.65 -4.23 -2.44
N MET B 41 -21.50 -3.58 -3.25
CA MET B 41 -22.60 -2.68 -2.79
C MET B 41 -23.83 -2.87 -3.67
N LYS B 42 -24.98 -2.32 -3.24
CA LYS B 42 -26.34 -2.66 -3.74
C LYS B 42 -26.85 -1.63 -4.77
N SER B 43 -26.40 -0.37 -4.70
CA SER B 43 -26.92 0.75 -5.54
C SER B 43 -25.75 1.57 -6.11
N ARG B 44 -26.00 2.31 -7.18
CA ARG B 44 -24.98 3.15 -7.88
C ARG B 44 -24.69 4.40 -7.04
N THR B 45 -25.68 4.96 -6.34
CA THR B 45 -25.51 6.15 -5.45
C THR B 45 -24.65 5.78 -4.23
N ILE B 46 -24.75 4.53 -3.74
CA ILE B 46 -23.90 4.02 -2.62
C ILE B 46 -22.45 3.92 -3.08
N LEU B 47 -22.21 3.35 -4.28
CA LEU B 47 -20.86 3.22 -4.88
C LEU B 47 -20.24 4.60 -5.10
N GLN B 48 -21.00 5.54 -5.67
CA GLN B 48 -20.54 6.93 -5.97
C GLN B 48 -20.05 7.61 -4.68
N GLN B 49 -20.62 7.23 -3.52
CA GLN B 49 -20.31 7.82 -2.19
C GLN B 49 -19.13 7.09 -1.55
N HIS B 50 -19.00 5.78 -1.76
CA HIS B 50 -17.80 5.01 -1.35
C HIS B 50 -16.58 5.55 -2.10
N MET B 51 -16.67 5.75 -3.41
CA MET B 51 -15.54 6.18 -4.27
C MET B 51 -14.99 7.54 -3.79
N LYS B 52 -15.84 8.41 -3.24
CA LYS B 52 -15.45 9.77 -2.79
C LYS B 52 -14.53 9.68 -1.57
N LYS B 53 -14.72 8.69 -0.70
CA LYS B 53 -14.09 8.59 0.64
C LYS B 53 -13.12 7.40 0.73
N CYS B 54 -13.04 6.55 -0.30
CA CYS B 54 -12.06 5.42 -0.39
C CYS B 54 -10.72 5.98 -0.86
N GLY B 55 -9.62 5.60 -0.20
CA GLY B 55 -8.27 6.14 -0.45
C GLY B 55 -7.32 5.12 -1.06
N TRP B 56 -7.84 4.08 -1.70
CA TRP B 56 -7.02 3.06 -2.40
C TRP B 56 -7.03 3.32 -3.91
N PHE B 57 -5.87 3.20 -4.55
CA PHE B 57 -5.64 3.37 -6.02
C PHE B 57 -4.76 2.22 -6.53
N HIS B 58 -4.69 1.15 -5.74
CA HIS B 58 -3.85 -0.06 -5.99
C HIS B 58 -4.21 -1.12 -4.96
N PRO B 59 -3.85 -2.40 -5.20
CA PRO B 59 -4.00 -3.45 -4.18
C PRO B 59 -3.23 -3.13 -2.91
N PRO B 60 -3.72 -3.56 -1.72
CA PRO B 60 -3.10 -3.25 -0.44
C PRO B 60 -1.93 -4.20 -0.12
N ALA B 61 -0.82 -4.03 -0.84
CA ALA B 61 0.33 -4.96 -0.77
C ALA B 61 1.60 -4.33 -1.35
N ASN B 62 2.71 -5.07 -1.22
CA ASN B 62 4.05 -4.75 -1.76
C ASN B 62 4.11 -5.07 -3.25
N GLU B 63 4.38 -4.04 -4.06
CA GLU B 63 4.67 -4.13 -5.51
C GLU B 63 6.02 -4.82 -5.72
N ILE B 64 6.02 -6.04 -6.28
CA ILE B 64 7.27 -6.85 -6.52
C ILE B 64 7.74 -6.73 -7.98
N TYR B 65 6.93 -6.18 -8.89
CA TYR B 65 7.28 -5.97 -10.32
C TYR B 65 6.61 -4.69 -10.84
N ARG B 66 7.35 -3.91 -11.64
CA ARG B 66 6.82 -2.76 -12.42
C ARG B 66 7.77 -2.47 -13.59
N LYS B 67 7.28 -2.63 -14.82
CA LYS B 67 7.98 -2.24 -16.07
C LYS B 67 6.92 -1.79 -17.08
N ASN B 68 7.22 -0.72 -17.82
CA ASN B 68 6.24 0.02 -18.65
C ASN B 68 5.11 0.47 -17.71
N ASN B 69 3.85 0.19 -18.02
CA ASN B 69 2.72 0.61 -17.16
C ASN B 69 2.02 -0.64 -16.60
N ILE B 70 2.81 -1.66 -16.26
CA ILE B 70 2.36 -3.00 -15.79
C ILE B 70 3.05 -3.32 -14.46
N SER B 71 2.27 -3.63 -13.41
CA SER B 71 2.77 -4.00 -12.05
C SER B 71 2.22 -5.36 -11.63
N VAL B 72 2.90 -5.99 -10.66
CA VAL B 72 2.41 -7.19 -9.91
C VAL B 72 2.53 -6.87 -8.42
N PHE B 73 1.42 -6.94 -7.68
CA PHE B 73 1.37 -6.78 -6.21
C PHE B 73 1.28 -8.16 -5.56
N GLU B 74 2.13 -8.43 -4.56
CA GLU B 74 2.16 -9.74 -3.83
C GLU B 74 1.34 -9.61 -2.55
N VAL B 75 0.09 -10.10 -2.55
CA VAL B 75 -0.89 -9.91 -1.44
C VAL B 75 -0.93 -11.20 -0.60
N ASP B 76 -0.98 -11.05 0.73
CA ASP B 76 -0.96 -12.18 1.71
C ASP B 76 -2.35 -12.31 2.32
N GLY B 77 -2.98 -13.49 2.20
CA GLY B 77 -4.31 -13.79 2.75
C GLY B 77 -4.36 -13.61 4.27
N ASN B 78 -3.21 -13.70 4.93
CA ASN B 78 -3.09 -13.61 6.41
C ASN B 78 -3.00 -12.15 6.87
N VAL B 79 -2.69 -11.21 5.96
CA VAL B 79 -2.57 -9.75 6.29
C VAL B 79 -3.83 -9.02 5.80
N SER B 80 -4.03 -8.98 4.48
CA SER B 80 -5.16 -8.32 3.81
C SER B 80 -6.26 -9.35 3.53
N THR B 81 -6.79 -9.97 4.60
CA THR B 81 -7.73 -11.12 4.53
C THR B 81 -8.97 -10.69 3.73
N ILE B 82 -9.67 -9.62 4.15
CA ILE B 82 -10.97 -9.20 3.57
C ILE B 82 -10.81 -8.88 2.07
N TYR B 83 -9.75 -8.20 1.66
CA TYR B 83 -9.53 -7.85 0.22
C TYR B 83 -9.40 -9.14 -0.61
N CYS B 84 -8.66 -10.12 -0.08
CA CYS B 84 -8.39 -11.42 -0.76
C CYS B 84 -9.68 -12.25 -0.83
N GLN B 85 -10.54 -12.13 0.19
CA GLN B 85 -11.89 -12.78 0.21
C GLN B 85 -12.76 -12.14 -0.88
N ASN B 86 -12.80 -10.81 -0.94
CA ASN B 86 -13.52 -10.03 -1.98
C ASN B 86 -13.02 -10.46 -3.38
N LEU B 87 -11.70 -10.60 -3.55
CA LEU B 87 -11.06 -11.04 -4.83
C LEU B 87 -11.58 -12.42 -5.24
N CYS B 88 -11.68 -13.35 -4.30
CA CYS B 88 -12.14 -14.75 -4.55
C CYS B 88 -13.57 -14.76 -5.09
N LEU B 89 -14.47 -13.94 -4.51
CA LEU B 89 -15.89 -13.83 -4.94
C LEU B 89 -15.97 -13.19 -6.34
N LEU B 90 -15.15 -12.17 -6.60
CA LEU B 90 -15.04 -11.52 -7.94
C LEU B 90 -14.62 -12.59 -8.96
N ALA B 91 -13.59 -13.38 -8.64
CA ALA B 91 -12.97 -14.36 -9.55
C ALA B 91 -13.99 -15.42 -10.00
N LYS B 92 -14.81 -15.92 -9.08
CA LYS B 92 -15.77 -17.04 -9.31
C LYS B 92 -16.79 -16.67 -10.39
N LEU B 93 -17.09 -15.38 -10.55
CA LEU B 93 -18.02 -14.88 -11.61
C LEU B 93 -17.50 -15.25 -13.00
N PHE B 94 -16.20 -15.59 -13.12
CA PHE B 94 -15.53 -15.90 -14.42
C PHE B 94 -14.76 -17.23 -14.33
N LEU B 95 -15.00 -18.04 -13.28
CA LEU B 95 -14.39 -19.39 -13.10
C LEU B 95 -15.50 -20.45 -13.03
N ASP B 96 -15.30 -21.57 -13.73
CA ASP B 96 -16.20 -22.75 -13.68
C ASP B 96 -16.33 -23.21 -12.22
N HIS B 97 -15.24 -23.13 -11.47
CA HIS B 97 -15.09 -23.57 -10.06
C HIS B 97 -13.80 -23.00 -9.48
OH ALY B 98 -8.25 -18.15 -6.09
CH ALY B 98 -8.92 -18.68 -5.20
CH3 ALY B 98 -8.28 -19.21 -3.96
NZ ALY B 98 -10.25 -18.81 -5.29
CE ALY B 98 -11.03 -18.42 -6.46
CD ALY B 98 -12.47 -18.87 -6.40
CG ALY B 98 -12.68 -20.37 -6.30
CB ALY B 98 -12.15 -21.17 -7.48
CA ALY B 98 -12.43 -22.68 -7.48
N ALY B 98 -13.69 -22.97 -8.15
C ALY B 98 -12.43 -23.33 -6.10
O ALY B 98 -13.50 -23.59 -5.54
N THR B 99 -11.22 -23.60 -5.58
CA THR B 99 -11.02 -24.39 -4.37
C THR B 99 -11.78 -23.78 -3.19
N LEU B 100 -11.41 -22.58 -2.75
CA LEU B 100 -12.01 -21.92 -1.57
C LEU B 100 -12.26 -20.42 -1.84
N TYR B 101 -13.00 -19.78 -0.94
CA TYR B 101 -13.47 -18.38 -1.00
C TYR B 101 -13.05 -17.59 0.25
N TYR B 102 -12.90 -18.25 1.40
CA TYR B 102 -12.87 -17.63 2.76
C TYR B 102 -11.56 -17.92 3.50
N ASP B 103 -11.19 -19.19 3.64
CA ASP B 103 -9.94 -19.62 4.34
C ASP B 103 -8.74 -19.29 3.47
N VAL B 104 -8.48 -17.99 3.29
CA VAL B 104 -7.47 -17.43 2.34
C VAL B 104 -6.11 -17.23 3.04
N GLU B 105 -6.05 -17.46 4.36
CA GLU B 105 -4.88 -17.11 5.20
C GLU B 105 -3.65 -17.91 4.77
N PRO B 106 -3.75 -19.21 4.42
CA PRO B 106 -2.59 -19.94 3.89
C PRO B 106 -2.24 -19.71 2.41
N PHE B 107 -2.75 -18.64 1.79
CA PHE B 107 -2.59 -18.38 0.33
C PHE B 107 -1.92 -17.03 0.09
N LEU B 108 -1.15 -16.96 -1.01
CA LEU B 108 -0.61 -15.72 -1.62
C LEU B 108 -1.44 -15.40 -2.89
N PHE B 109 -1.58 -14.13 -3.21
CA PHE B 109 -2.40 -13.61 -4.34
C PHE B 109 -1.58 -12.59 -5.14
N TYR B 110 -1.14 -12.95 -6.35
CA TYR B 110 -0.37 -12.09 -7.28
C TYR B 110 -1.35 -11.38 -8.22
N VAL B 111 -1.59 -10.09 -7.95
CA VAL B 111 -2.58 -9.24 -8.67
C VAL B 111 -1.83 -8.45 -9.76
N LEU B 112 -2.22 -8.65 -11.03
CA LEU B 112 -1.65 -7.93 -12.21
C LEU B 112 -2.44 -6.64 -12.43
N THR B 113 -1.77 -5.50 -12.56
CA THR B 113 -2.46 -4.20 -12.87
C THR B 113 -1.87 -3.56 -14.13
N GLN B 114 -2.66 -2.68 -14.74
CA GLN B 114 -2.23 -1.78 -15.84
C GLN B 114 -2.46 -0.34 -15.36
N ASN B 115 -1.40 0.47 -15.30
CA ASN B 115 -1.33 1.71 -14.50
C ASN B 115 -1.49 2.94 -15.41
N ASP B 116 -2.37 3.86 -15.00
CA ASP B 116 -2.48 5.22 -15.61
C ASP B 116 -2.65 6.24 -14.47
N VAL B 117 -2.82 7.51 -14.83
CA VAL B 117 -2.92 8.67 -13.89
C VAL B 117 -4.05 8.46 -12.87
N LYS B 118 -5.07 7.64 -13.18
CA LYS B 118 -6.27 7.43 -12.32
C LYS B 118 -6.05 6.26 -11.35
N GLY B 119 -5.03 5.43 -11.59
CA GLY B 119 -4.54 4.43 -10.62
C GLY B 119 -4.01 3.18 -11.27
N CYS B 120 -3.78 2.15 -10.45
CA CYS B 120 -3.39 0.77 -10.84
C CYS B 120 -4.64 -0.10 -10.95
N HIS B 121 -5.19 -0.20 -12.16
CA HIS B 121 -6.47 -0.90 -12.48
C HIS B 121 -6.22 -2.41 -12.59
N LEU B 122 -7.09 -3.22 -11.99
CA LEU B 122 -6.97 -4.70 -11.91
C LEU B 122 -7.27 -5.34 -13.28
N VAL B 123 -6.31 -6.11 -13.80
CA VAL B 123 -6.38 -6.87 -15.09
C VAL B 123 -6.74 -8.32 -14.77
N GLY B 124 -6.10 -8.91 -13.76
CA GLY B 124 -6.25 -10.32 -13.37
C GLY B 124 -5.32 -10.72 -12.25
N TYR B 125 -5.30 -12.00 -11.88
CA TYR B 125 -4.54 -12.55 -10.74
C TYR B 125 -4.35 -14.07 -10.88
N PHE B 126 -3.47 -14.63 -10.05
CA PHE B 126 -3.37 -16.07 -9.75
C PHE B 126 -3.09 -16.25 -8.26
N SER B 127 -3.83 -17.16 -7.62
CA SER B 127 -3.65 -17.61 -6.21
C SER B 127 -2.57 -18.70 -6.19
N LYS B 128 -1.89 -18.85 -5.05
CA LYS B 128 -0.84 -19.86 -4.83
C LYS B 128 -0.83 -20.23 -3.34
N GLU B 129 -0.78 -21.53 -3.03
CA GLU B 129 -0.56 -22.05 -1.65
C GLU B 129 0.87 -21.71 -1.21
N LYS B 130 1.03 -21.14 -0.02
CA LYS B 130 2.35 -20.78 0.58
C LYS B 130 3.27 -22.01 0.60
N HIS B 131 2.73 -23.18 0.94
CA HIS B 131 3.41 -24.51 0.89
C HIS B 131 2.42 -25.54 0.34
N SER B 132 2.64 -26.05 -0.89
CA SER B 132 1.78 -27.07 -1.56
C SER B 132 2.52 -28.40 -1.64
N GLN B 133 1.96 -29.45 -1.02
CA GLN B 133 2.57 -30.81 -0.94
C GLN B 133 2.67 -31.40 -2.36
N GLN B 134 1.74 -31.05 -3.25
CA GLN B 134 1.65 -31.58 -4.65
C GLN B 134 2.46 -30.68 -5.60
N LYS B 135 3.18 -29.67 -5.08
CA LYS B 135 4.02 -28.74 -5.88
C LYS B 135 3.18 -28.08 -6.98
N TYR B 136 2.15 -27.33 -6.56
CA TYR B 136 1.31 -26.49 -7.44
C TYR B 136 1.78 -25.03 -7.35
N ASN B 137 2.22 -24.47 -8.48
CA ASN B 137 2.74 -23.07 -8.57
C ASN B 137 1.59 -22.10 -8.88
N VAL B 138 0.39 -22.62 -9.16
CA VAL B 138 -0.87 -21.86 -9.42
C VAL B 138 -2.06 -22.70 -8.93
N SER B 139 -2.92 -22.13 -8.08
CA SER B 139 -4.23 -22.71 -7.68
C SER B 139 -5.28 -22.36 -8.76
N SER B 140 -5.72 -21.11 -8.79
CA SER B 140 -6.63 -20.52 -9.82
C SER B 140 -5.91 -19.37 -10.53
N ILE B 141 -6.21 -19.16 -11.80
CA ILE B 141 -5.74 -17.98 -12.60
C ILE B 141 -6.93 -17.44 -13.39
N MET B 142 -7.04 -16.13 -13.53
CA MET B 142 -8.19 -15.45 -14.17
C MET B 142 -7.76 -14.08 -14.72
N ILE B 143 -8.18 -13.75 -15.95
CA ILE B 143 -8.06 -12.41 -16.60
C ILE B 143 -9.48 -11.90 -16.85
N LEU B 144 -9.76 -10.65 -16.52
CA LEU B 144 -11.12 -10.06 -16.72
C LEU B 144 -11.39 -9.95 -18.22
N PRO B 145 -12.65 -10.13 -18.66
CA PRO B 145 -13.00 -10.12 -20.08
C PRO B 145 -12.35 -9.01 -20.93
N GLN B 146 -12.45 -7.75 -20.49
CA GLN B 146 -11.99 -6.56 -21.28
C GLN B 146 -10.52 -6.69 -21.67
N TYR B 147 -9.70 -7.45 -20.91
CA TYR B 147 -8.24 -7.58 -21.11
C TYR B 147 -7.86 -8.90 -21.82
N GLN B 148 -8.84 -9.71 -22.24
CA GLN B 148 -8.57 -11.06 -22.80
C GLN B 148 -8.09 -10.94 -24.25
N ARG B 149 -7.28 -11.91 -24.70
CA ARG B 149 -6.72 -12.06 -26.07
C ARG B 149 -5.77 -10.90 -26.38
N LYS B 150 -4.94 -10.47 -25.42
CA LYS B 150 -4.03 -9.30 -25.58
C LYS B 150 -2.62 -9.55 -25.01
N GLY B 151 -2.37 -10.71 -24.38
CA GLY B 151 -1.03 -11.11 -23.93
C GLY B 151 -0.87 -11.14 -22.42
N TYR B 152 -1.83 -10.59 -21.67
CA TYR B 152 -1.79 -10.52 -20.19
C TYR B 152 -1.82 -11.93 -19.61
N GLY B 153 -2.57 -12.84 -20.23
CA GLY B 153 -2.71 -14.25 -19.80
C GLY B 153 -1.36 -14.95 -19.84
N ARG B 154 -0.67 -14.87 -20.97
CA ARG B 154 0.67 -15.49 -21.18
C ARG B 154 1.65 -14.86 -20.17
N PHE B 155 1.59 -13.54 -20.01
CA PHE B 155 2.44 -12.77 -19.05
C PHE B 155 2.38 -13.43 -17.68
N LEU B 156 1.18 -13.56 -17.10
CA LEU B 156 0.95 -14.09 -15.73
C LEU B 156 1.45 -15.54 -15.62
N ILE B 157 1.19 -16.36 -16.64
CA ILE B 157 1.62 -17.79 -16.65
C ILE B 157 3.14 -17.83 -16.63
N ASP B 158 3.78 -17.02 -17.51
CA ASP B 158 5.25 -16.86 -17.57
C ASP B 158 5.77 -16.39 -16.20
N PHE B 159 5.07 -15.43 -15.56
CA PHE B 159 5.44 -14.85 -14.24
C PHE B 159 5.40 -15.95 -13.18
N SER B 160 4.38 -16.81 -13.21
CA SER B 160 4.15 -17.92 -12.23
C SER B 160 5.33 -18.91 -12.29
N TYR B 161 5.91 -19.11 -13.48
CA TYR B 161 7.03 -20.05 -13.74
C TYR B 161 8.36 -19.40 -13.34
N LEU B 162 8.47 -18.07 -13.44
CA LEU B 162 9.67 -17.31 -12.99
C LEU B 162 9.82 -17.48 -11.46
N LEU B 163 8.72 -17.38 -10.71
CA LEU B 163 8.69 -17.59 -9.23
C LEU B 163 9.22 -19.00 -8.90
N SER B 164 8.75 -20.02 -9.63
CA SER B 164 9.12 -21.45 -9.47
C SER B 164 10.61 -21.64 -9.73
N LYS B 165 11.12 -21.07 -10.83
CA LYS B 165 12.56 -21.08 -11.20
C LYS B 165 13.38 -20.48 -10.06
N ARG B 166 13.05 -19.24 -9.67
CA ARG B 166 13.76 -18.46 -8.61
C ARG B 166 13.95 -19.32 -7.36
N GLU B 167 12.91 -20.05 -6.94
CA GLU B 167 12.92 -20.85 -5.69
C GLU B 167 13.36 -22.29 -5.98
N GLY B 168 13.71 -22.58 -7.23
CA GLY B 168 14.45 -23.80 -7.64
C GLY B 168 13.62 -25.06 -7.51
N GLN B 169 12.38 -25.02 -7.98
CA GLN B 169 11.43 -26.17 -7.99
C GLN B 169 10.53 -26.06 -9.23
N ALA B 170 10.46 -27.12 -10.02
CA ALA B 170 9.49 -27.26 -11.15
C ALA B 170 8.08 -27.30 -10.55
N GLY B 171 7.13 -26.60 -11.19
CA GLY B 171 5.75 -26.45 -10.71
C GLY B 171 4.72 -26.84 -11.76
N SER B 172 3.44 -26.80 -11.39
CA SER B 172 2.29 -27.14 -12.26
C SER B 172 1.03 -26.46 -11.74
N PRO B 173 0.10 -26.01 -12.61
CA PRO B 173 -1.20 -25.51 -12.16
C PRO B 173 -2.05 -26.64 -11.58
N GLU B 174 -2.77 -26.37 -10.49
CA GLU B 174 -3.74 -27.29 -9.84
C GLU B 174 -4.80 -27.69 -10.88
N LYS B 175 -5.09 -28.99 -11.00
CA LYS B 175 -6.07 -29.56 -11.97
C LYS B 175 -7.43 -29.74 -11.31
N PRO B 176 -8.55 -29.72 -12.05
CA PRO B 176 -8.55 -29.47 -13.50
C PRO B 176 -8.58 -27.98 -13.86
N LEU B 177 -8.20 -27.64 -15.10
CA LEU B 177 -8.09 -26.24 -15.60
C LEU B 177 -9.40 -25.80 -16.27
N SER B 178 -9.60 -24.49 -16.39
CA SER B 178 -10.69 -23.84 -17.17
C SER B 178 -10.36 -23.93 -18.66
N ASP B 179 -11.35 -23.70 -19.52
CA ASP B 179 -11.21 -23.83 -21.00
C ASP B 179 -10.09 -22.89 -21.48
N LEU B 180 -10.22 -21.59 -21.22
CA LEU B 180 -9.22 -20.56 -21.62
C LEU B 180 -7.88 -20.86 -20.93
N GLY B 181 -7.92 -21.40 -19.71
CA GLY B 181 -6.73 -21.87 -18.97
C GLY B 181 -5.98 -22.94 -19.76
N ARG B 182 -6.69 -23.98 -20.20
CA ARG B 182 -6.14 -25.15 -20.95
C ARG B 182 -5.51 -24.65 -22.26
N LEU B 183 -6.19 -23.76 -22.98
CA LEU B 183 -5.72 -23.19 -24.27
C LEU B 183 -4.43 -22.40 -24.04
N SER B 184 -4.46 -21.41 -23.14
CA SER B 184 -3.30 -20.56 -22.76
C SER B 184 -2.10 -21.44 -22.42
N TYR B 185 -2.27 -22.38 -21.48
CA TYR B 185 -1.17 -23.21 -20.91
C TYR B 185 -0.52 -24.06 -22.00
N MET B 186 -1.33 -24.67 -22.87
CA MET B 186 -0.86 -25.51 -24.01
C MET B 186 -0.13 -24.61 -25.03
N ALA B 187 -0.70 -23.45 -25.35
CA ALA B 187 -0.10 -22.44 -26.26
C ALA B 187 1.22 -21.93 -25.67
N TYR B 188 1.28 -21.70 -24.35
CA TYR B 188 2.50 -21.23 -23.64
C TYR B 188 3.60 -22.29 -23.76
N TRP B 189 3.29 -23.53 -23.35
CA TRP B 189 4.24 -24.67 -23.34
C TRP B 189 4.85 -24.86 -24.73
N LYS B 190 4.02 -24.79 -25.78
CA LYS B 190 4.43 -24.90 -27.22
C LYS B 190 5.48 -23.84 -27.53
N SER B 191 5.13 -22.56 -27.39
CA SER B 191 5.99 -21.39 -27.74
C SER B 191 7.30 -21.43 -26.97
N VAL B 192 7.26 -21.77 -25.67
CA VAL B 192 8.43 -21.76 -24.76
C VAL B 192 9.40 -22.87 -25.18
N ILE B 193 8.90 -24.08 -25.41
CA ILE B 193 9.71 -25.28 -25.78
C ILE B 193 10.36 -25.08 -27.16
N LEU B 194 9.65 -24.44 -28.11
CA LEU B 194 10.12 -24.20 -29.50
C LEU B 194 11.19 -23.10 -29.52
N GLU B 195 10.94 -21.98 -28.83
CA GLU B 195 11.90 -20.85 -28.68
C GLU B 195 13.15 -21.34 -27.94
N CYS B 196 12.97 -22.16 -26.91
CA CYS B 196 14.04 -22.73 -26.05
C CYS B 196 14.90 -23.73 -26.82
N LEU B 197 14.39 -24.30 -27.92
CA LEU B 197 15.10 -25.31 -28.76
C LEU B 197 15.90 -24.63 -29.87
N TYR B 198 15.37 -23.54 -30.45
CA TYR B 198 16.04 -22.71 -31.47
C TYR B 198 17.42 -22.29 -30.97
N HIS B 199 17.52 -21.93 -29.68
CA HIS B 199 18.78 -21.48 -29.00
C HIS B 199 19.60 -22.69 -28.54
N ILE B 207 15.00 -33.87 -21.30
CA ILE B 207 13.73 -33.43 -20.67
C ILE B 207 14.03 -32.88 -19.27
N LYS B 208 14.72 -33.65 -18.43
CA LYS B 208 15.06 -33.29 -17.02
C LYS B 208 15.89 -31.99 -17.01
N LYS B 209 16.74 -31.80 -18.03
CA LYS B 209 17.55 -30.56 -18.21
C LYS B 209 16.62 -29.41 -18.64
N LEU B 210 15.71 -29.68 -19.57
CA LEU B 210 14.75 -28.68 -20.13
C LEU B 210 13.84 -28.17 -19.01
N SER B 211 13.29 -29.08 -18.19
CA SER B 211 12.39 -28.77 -17.04
C SER B 211 13.11 -27.85 -16.04
N LYS B 212 14.42 -28.05 -15.85
CA LYS B 212 15.28 -27.25 -14.93
C LYS B 212 15.39 -25.81 -15.47
N LEU B 213 15.67 -25.66 -16.77
CA LEU B 213 15.87 -24.34 -17.44
C LEU B 213 14.57 -23.52 -17.43
N THR B 214 13.42 -24.18 -17.55
CA THR B 214 12.10 -23.56 -17.89
C THR B 214 11.14 -23.58 -16.69
N GLY B 215 11.28 -24.55 -15.78
CA GLY B 215 10.51 -24.63 -14.53
C GLY B 215 9.16 -25.31 -14.72
N ILE B 216 8.95 -25.98 -15.86
CA ILE B 216 7.70 -26.70 -16.24
C ILE B 216 7.85 -28.17 -15.81
N SER B 217 6.80 -28.77 -15.22
CA SER B 217 6.81 -30.17 -14.71
C SER B 217 7.10 -31.12 -15.86
N PRO B 218 7.95 -32.16 -15.65
CA PRO B 218 8.24 -33.16 -16.69
C PRO B 218 7.01 -33.70 -17.42
N GLN B 219 5.95 -34.00 -16.66
CA GLN B 219 4.63 -34.47 -17.18
C GLN B 219 4.13 -33.50 -18.26
N ASP B 220 4.02 -32.20 -17.92
CA ASP B 220 3.48 -31.12 -18.79
C ASP B 220 4.28 -31.03 -20.10
N ILE B 221 5.59 -31.28 -20.04
CA ILE B 221 6.51 -31.17 -21.22
C ILE B 221 6.23 -32.34 -22.19
N THR B 222 6.24 -33.58 -21.67
CA THR B 222 6.14 -34.83 -22.47
C THR B 222 4.82 -34.87 -23.25
N SER B 223 3.72 -34.39 -22.67
CA SER B 223 2.37 -34.33 -23.29
C SER B 223 2.36 -33.30 -24.43
N THR B 224 3.11 -32.21 -24.30
CA THR B 224 3.18 -31.10 -25.30
C THR B 224 3.94 -31.58 -26.54
N LEU B 225 5.05 -32.30 -26.35
CA LEU B 225 5.88 -32.88 -27.44
C LEU B 225 5.03 -33.86 -28.27
N HIS B 226 4.25 -34.72 -27.61
CA HIS B 226 3.32 -35.70 -28.22
C HIS B 226 2.33 -34.99 -29.16
N HIS B 227 1.73 -33.88 -28.70
CA HIS B 227 0.74 -33.07 -29.46
C HIS B 227 1.40 -32.48 -30.72
N LEU B 228 2.70 -32.19 -30.67
CA LEU B 228 3.47 -31.53 -31.76
C LEU B 228 4.14 -32.57 -32.68
N ARG B 229 3.99 -33.86 -32.38
CA ARG B 229 4.63 -35.00 -33.11
C ARG B 229 6.16 -34.80 -33.10
N MET B 230 6.75 -34.65 -31.90
CA MET B 230 8.22 -34.53 -31.70
C MET B 230 8.63 -35.48 -30.56
N LEU B 231 8.15 -36.72 -30.60
CA LEU B 231 8.32 -37.75 -29.55
C LEU B 231 8.41 -39.15 -30.18
N ASP B 232 9.61 -39.75 -30.16
CA ASP B 232 9.87 -41.18 -30.49
C ASP B 232 9.84 -41.98 -29.18
N PHE B 233 9.76 -43.31 -29.26
CA PHE B 233 9.52 -44.21 -28.10
C PHE B 233 10.71 -45.16 -27.92
N VAL B 239 12.41 -39.81 -26.57
CA VAL B 239 13.36 -39.04 -27.42
C VAL B 239 12.63 -37.82 -27.99
N ILE B 240 13.36 -36.75 -28.32
CA ILE B 240 12.84 -35.49 -28.92
C ILE B 240 13.25 -35.43 -30.39
N ILE B 241 12.28 -35.45 -31.31
CA ILE B 241 12.50 -35.32 -32.78
C ILE B 241 12.41 -33.84 -33.14
N ARG B 242 13.55 -33.21 -33.44
CA ARG B 242 13.66 -31.78 -33.87
C ARG B 242 13.04 -31.63 -35.27
N ARG B 243 11.82 -31.07 -35.34
CA ARG B 243 11.21 -30.63 -36.63
C ARG B 243 11.56 -29.16 -36.84
N GLU B 244 12.47 -28.87 -37.77
CA GLU B 244 13.14 -27.55 -37.92
C GLU B 244 12.19 -26.52 -38.52
N LYS B 245 11.41 -26.92 -39.54
CA LYS B 245 10.40 -26.06 -40.24
C LYS B 245 9.43 -25.46 -39.20
N LEU B 246 9.08 -26.23 -38.16
CA LEU B 246 8.20 -25.79 -37.04
C LEU B 246 8.93 -24.77 -36.17
N ILE B 247 10.20 -25.01 -35.86
CA ILE B 247 11.04 -24.17 -34.94
C ILE B 247 11.34 -22.83 -35.62
N GLN B 248 11.74 -22.87 -36.90
CA GLN B 248 12.16 -21.69 -37.70
C GLN B 248 10.98 -20.73 -37.91
N ASP B 249 9.83 -21.28 -38.31
CA ASP B 249 8.62 -20.50 -38.71
C ASP B 249 8.00 -19.84 -37.47
N HIS B 250 8.17 -20.43 -36.27
CA HIS B 250 7.72 -19.85 -34.98
C HIS B 250 8.54 -18.60 -34.68
N MET B 251 9.88 -18.68 -34.84
CA MET B 251 10.83 -17.56 -34.57
C MET B 251 10.54 -16.39 -35.52
N ALA B 252 10.12 -16.71 -36.76
CA ALA B 252 9.73 -15.73 -37.81
C ALA B 252 8.45 -14.99 -37.40
N LYS B 253 7.50 -15.71 -36.79
CA LYS B 253 6.17 -15.20 -36.36
C LYS B 253 6.35 -14.20 -35.21
N LEU B 254 7.36 -14.40 -34.35
CA LEU B 254 7.63 -13.58 -33.15
C LEU B 254 8.35 -12.28 -33.55
N GLN B 255 9.22 -12.36 -34.57
CA GLN B 255 10.05 -11.21 -35.05
C GLN B 255 9.17 -10.20 -35.79
N LEU B 256 8.15 -10.67 -36.51
CA LEU B 256 7.28 -9.83 -37.38
C LEU B 256 5.94 -9.56 -36.68
N ASN B 257 5.97 -9.04 -35.46
CA ASN B 257 4.82 -8.46 -34.71
C ASN B 257 5.21 -8.24 -33.25
N LEU B 258 5.87 -9.23 -32.64
CA LEU B 258 6.46 -9.20 -31.27
C LEU B 258 5.30 -9.26 -30.26
N ARG B 259 5.52 -9.89 -29.09
CA ARG B 259 4.59 -9.85 -27.93
C ARG B 259 4.85 -8.56 -27.16
N PRO B 260 3.89 -7.59 -27.18
CA PRO B 260 4.13 -6.27 -26.60
C PRO B 260 4.25 -6.32 -25.07
N VAL B 261 3.56 -7.26 -24.44
CA VAL B 261 3.59 -7.52 -22.97
C VAL B 261 4.48 -8.74 -22.72
N ASP B 262 5.57 -8.55 -21.98
CA ASP B 262 6.68 -9.53 -21.82
C ASP B 262 7.29 -9.36 -20.42
N VAL B 263 7.37 -10.43 -19.64
CA VAL B 263 7.99 -10.48 -18.28
C VAL B 263 9.50 -10.26 -18.44
N ASP B 264 10.03 -9.15 -17.90
CA ASP B 264 11.48 -8.85 -17.85
C ASP B 264 12.01 -9.36 -16.51
N PRO B 265 12.82 -10.43 -16.48
CA PRO B 265 13.36 -10.96 -15.22
C PRO B 265 14.14 -9.95 -14.36
N GLU B 266 14.77 -8.94 -14.97
CA GLU B 266 15.61 -7.93 -14.27
C GLU B 266 14.72 -6.98 -13.46
N SER B 267 13.40 -6.96 -13.70
CA SER B 267 12.44 -5.99 -13.11
C SER B 267 11.73 -6.59 -11.89
N LEU B 268 12.00 -7.86 -11.56
CA LEU B 268 11.42 -8.58 -10.38
C LEU B 268 12.25 -8.27 -9.14
N ARG B 269 11.63 -7.65 -8.12
CA ARG B 269 12.27 -7.35 -6.81
C ARG B 269 11.65 -8.25 -5.75
N TRP B 270 12.18 -9.48 -5.59
CA TRP B 270 11.57 -10.56 -4.77
C TRP B 270 12.62 -11.60 -4.36
N THR B 271 12.61 -11.99 -3.08
CA THR B 271 13.41 -13.12 -2.53
C THR B 271 12.46 -14.26 -2.20
N PRO B 272 12.80 -15.52 -2.60
CA PRO B 272 11.95 -16.67 -2.25
C PRO B 272 12.08 -17.06 -0.77
ZN ZN C . 11.09 5.92 -6.32
N3 A1IDR D . 11.05 17.49 14.32
C4 A1IDR D . 11.27 16.28 15.13
C5 A1IDR D . 12.07 17.88 13.33
C6 A1IDR D . 9.73 19.40 13.79
C7 A1IDR D . 8.62 20.18 14.04
C10 A1IDR D . 6.18 22.86 13.77
C15 A1IDR D . 5.11 25.82 14.99
C17 A1IDR D . 7.08 26.57 16.22
C20 A1IDR D . 4.63 27.14 14.98
C21 A1IDR D . 3.41 27.49 14.38
C22 A1IDR D . 3.42 28.19 13.17
C24 A1IDR D . 1.00 28.22 13.18
C26 A1IDR D . 2.20 27.17 14.99
C28 A1IDR D . 6.74 20.74 15.08
C2 A1IDR D . 9.97 18.25 14.54
C1 A1IDR D . 9.07 17.90 15.54
C30 A1IDR D . 7.95 18.69 15.80
C29 A1IDR D . 7.72 19.83 15.05
O8 A1IDR D . 8.16 21.32 13.46
C9 A1IDR D . 7.02 21.63 14.13
O27 A1IDR D . 6.51 23.55 12.81
N11 A1IDR D . 5.14 23.12 14.56
S12 A1IDR D . 4.24 24.45 14.27
O13 A1IDR D . 4.07 24.63 12.79
O14 A1IDR D . 2.91 24.31 14.94
C16 A1IDR D . 6.33 25.56 15.62
C18 A1IDR D . 6.59 27.87 16.20
C19 A1IDR D . 5.38 28.16 15.57
C23 A1IDR D . 2.21 28.55 12.57
C25 A1IDR D . 1.00 27.53 14.40
N1 EPE E . 0.51 30.44 22.01
C9 EPE E . -0.56 29.69 21.35
C10 EPE E . -0.36 29.54 19.85
S EPE E . -1.57 28.48 19.10
O1S EPE E . -1.27 27.14 19.53
O2S EPE E . -2.86 29.04 19.43
O3S EPE E . -1.30 28.63 17.59
ZN ZN F . -12.88 1.04 -2.17
N3 A1IDR G . -10.31 -16.78 -17.04
C4 A1IDR G . -10.48 -17.80 -16.00
C5 A1IDR G . -11.43 -15.86 -17.28
C6 A1IDR G . -9.10 -15.75 -18.82
C7 A1IDR G . -7.96 -15.70 -19.62
C10 A1IDR G . -5.62 -14.59 -22.21
C15 A1IDR G . -2.51 -15.74 -24.48
C17 A1IDR G . -1.52 -17.94 -24.22
C20 A1IDR G . -1.77 -15.55 -25.68
C21 A1IDR G . -1.84 -14.39 -26.46
C22 A1IDR G . -3.02 -13.98 -27.08
C24 A1IDR G . -1.87 -12.07 -28.04
C26 A1IDR G . -0.66 -13.64 -26.66
C28 A1IDR G . -5.96 -16.34 -20.35
C2 A1IDR G . -9.21 -16.72 -17.82
C1 A1IDR G . -8.17 -17.64 -17.65
C30 A1IDR G . -7.02 -17.58 -18.46
C29 A1IDR G . -6.92 -16.61 -19.45
O8 A1IDR G . -7.59 -14.87 -20.65
C9 A1IDR G . -6.37 -15.28 -21.06
O27 A1IDR G . -6.04 -13.54 -22.68
N11 A1IDR G . -4.49 -15.19 -22.62
S12 A1IDR G . -3.61 -14.53 -23.82
O13 A1IDR G . -4.55 -14.06 -24.89
O14 A1IDR G . -2.85 -13.36 -23.30
C16 A1IDR G . -2.36 -16.92 -23.78
C18 A1IDR G . -0.79 -17.77 -25.39
C19 A1IDR G . -0.93 -16.58 -26.11
C23 A1IDR G . -3.04 -12.81 -27.85
C25 A1IDR G . -0.69 -12.49 -27.44
N1 EPE H . 2.11 -13.88 -30.56
C9 EPE H . 2.94 -14.07 -29.35
C10 EPE H . 2.45 -15.21 -28.47
S EPE H . 2.75 -16.80 -29.19
O1S EPE H . 1.78 -16.98 -30.23
O2S EPE H . 4.14 -16.86 -29.53
O3S EPE H . 2.46 -17.79 -28.03
#